data_3A1P
#
_entry.id   3A1P
#
_cell.length_a   57.397
_cell.length_b   67.491
_cell.length_c   62.002
_cell.angle_alpha   90.000
_cell.angle_beta   94.820
_cell.angle_gamma   90.000
#
_symmetry.space_group_name_H-M   'P 1 21 1'
#
loop_
_entity.id
_entity.type
_entity.pdbx_description
1 polymer 'Ribosome maturation factor rimM'
2 polymer '30S ribosomal protein S19'
3 non-polymer 'UNKNOWN ATOM OR ION'
4 water water
#
loop_
_entity_poly.entity_id
_entity_poly.type
_entity_poly.pdbx_seq_one_letter_code
_entity_poly.pdbx_strand_id
1 'polypeptide(L)'
;MRLVEIGRFGAPYALKGGLRFRGEPVVLHLERVYVEGHGWRAIEDLYRVGEELVVHLAGVTDRTLAEALVGLRVYAEVAD
LPPLEEGRYYYFALIGLPVYVEGRQVGEVVDILDAGAQDVLIIRGVGERLRDRAERLVPLQAPYVRVEEGSIHVDPIPGL
FD
;
A,C
2 'polypeptide(L)'
;MPRSLKKGVFVDDHLLEKVLELNAKGEKRLIKTWSRRSTIVPEMVGHTIAVYNGKQHVPVYITENMVGHKLGEFAPTRTY
RGHGKEAKATKKK
;
B,D
#
loop_
_chem_comp.id
_chem_comp.type
_chem_comp.name
_chem_comp.formula
UNX non-polymer 'UNKNOWN ATOM OR ION' ?
#
# COMPACT_ATOMS: atom_id res chain seq x y z
N ARG A 2 -10.34 -9.91 3.15
CA ARG A 2 -9.05 -9.41 2.58
C ARG A 2 -9.28 -8.21 1.66
N LEU A 3 -8.53 -7.15 1.89
CA LEU A 3 -8.65 -5.95 1.07
C LEU A 3 -7.56 -5.92 0.01
N VAL A 4 -7.92 -5.52 -1.19
CA VAL A 4 -6.96 -5.40 -2.29
C VAL A 4 -7.02 -3.98 -2.85
N GLU A 5 -5.86 -3.46 -3.21
CA GLU A 5 -5.74 -2.11 -3.75
C GLU A 5 -6.25 -2.07 -5.20
N ILE A 6 -7.26 -1.24 -5.45
CA ILE A 6 -7.83 -1.15 -6.80
C ILE A 6 -7.47 0.18 -7.45
N GLY A 7 -7.10 1.15 -6.64
CA GLY A 7 -6.75 2.44 -7.19
C GLY A 7 -6.27 3.47 -6.18
N ARG A 8 -6.26 4.72 -6.63
CA ARG A 8 -5.82 5.81 -5.80
C ARG A 8 -6.52 7.06 -6.32
N PHE A 9 -7.03 7.89 -5.40
CA PHE A 9 -7.72 9.10 -5.81
C PHE A 9 -6.80 10.20 -6.30
N GLY A 10 -7.22 10.82 -7.40
CA GLY A 10 -6.47 11.92 -7.96
C GLY A 10 -7.16 13.18 -7.45
N ALA A 11 -6.94 14.30 -8.12
CA ALA A 11 -7.53 15.58 -7.76
C ALA A 11 -9.07 15.59 -7.86
N PRO A 12 -9.73 16.48 -7.12
CA PRO A 12 -11.19 16.55 -7.14
C PRO A 12 -11.71 17.03 -8.50
N TYR A 13 -12.92 16.59 -8.85
CA TYR A 13 -13.53 16.98 -10.10
C TYR A 13 -14.76 17.82 -9.82
N ALA A 14 -14.83 19.01 -10.39
CA ALA A 14 -15.95 19.92 -10.19
C ALA A 14 -16.13 20.33 -8.73
N LEU A 15 -17.35 20.72 -8.36
CA LEU A 15 -17.60 21.21 -7.02
C LEU A 15 -18.61 20.43 -6.18
N LYS A 16 -18.85 19.17 -6.50
CA LYS A 16 -19.82 18.38 -5.75
C LYS A 16 -19.20 17.25 -4.96
N GLY A 17 -17.88 17.18 -4.94
CA GLY A 17 -17.23 16.11 -4.20
C GLY A 17 -16.75 14.98 -5.09
N GLY A 18 -16.94 15.11 -6.40
CA GLY A 18 -16.49 14.09 -7.30
C GLY A 18 -14.98 14.01 -7.23
N LEU A 19 -14.44 12.80 -7.32
CA LEU A 19 -12.99 12.58 -7.25
C LEU A 19 -12.46 11.75 -8.42
N ARG A 20 -11.45 12.27 -9.11
CA ARG A 20 -10.86 11.51 -10.20
C ARG A 20 -10.32 10.23 -9.58
N PHE A 21 -10.60 9.11 -10.23
CA PHE A 21 -10.13 7.82 -9.73
C PHE A 21 -9.06 7.25 -10.65
N ARG A 22 -7.88 6.98 -10.09
CA ARG A 22 -6.79 6.41 -10.88
C ARG A 22 -6.66 4.96 -10.45
N GLY A 23 -6.88 4.04 -11.37
CA GLY A 23 -6.77 2.63 -11.02
C GLY A 23 -7.46 1.72 -12.00
N GLU A 24 -7.75 0.50 -11.56
CA GLU A 24 -8.40 -0.48 -12.42
C GLU A 24 -9.89 -0.23 -12.57
N PRO A 25 -10.42 -0.46 -13.79
CA PRO A 25 -11.85 -0.25 -14.05
C PRO A 25 -12.75 -1.24 -13.33
N VAL A 26 -12.18 -2.06 -12.46
CA VAL A 26 -12.96 -3.01 -11.71
C VAL A 26 -13.87 -2.23 -10.75
N VAL A 27 -13.57 -0.95 -10.55
CA VAL A 27 -14.36 -0.12 -9.65
C VAL A 27 -15.77 0.11 -10.18
N LEU A 28 -15.97 -0.11 -11.48
CA LEU A 28 -17.27 0.08 -12.11
C LEU A 28 -18.33 -0.90 -11.61
N HIS A 29 -17.87 -2.02 -11.05
CA HIS A 29 -18.79 -3.04 -10.57
C HIS A 29 -18.83 -3.14 -9.05
N LEU A 30 -18.46 -2.06 -8.36
CA LEU A 30 -18.48 -2.10 -6.91
C LEU A 30 -19.55 -1.17 -6.35
N GLU A 31 -19.99 -1.46 -5.13
CA GLU A 31 -21.00 -0.64 -4.48
C GLU A 31 -20.36 0.17 -3.36
N ARG A 32 -19.16 -0.23 -2.95
CA ARG A 32 -18.45 0.45 -1.88
C ARG A 32 -16.96 0.19 -1.98
N VAL A 33 -16.19 1.10 -1.41
CA VAL A 33 -14.74 0.96 -1.40
C VAL A 33 -14.25 1.36 -0.03
N TYR A 34 -13.09 0.84 0.34
CA TYR A 34 -12.48 1.16 1.62
C TYR A 34 -11.39 2.17 1.28
N VAL A 35 -11.48 3.33 1.90
CA VAL A 35 -10.53 4.40 1.65
C VAL A 35 -9.50 4.42 2.74
N GLU A 36 -8.24 4.50 2.35
CA GLU A 36 -7.15 4.47 3.31
C GLU A 36 -7.33 5.60 4.32
N GLY A 37 -7.29 5.22 5.58
CA GLY A 37 -7.37 6.12 6.69
C GLY A 37 -8.77 6.58 7.01
N HIS A 38 -9.73 6.14 6.20
CA HIS A 38 -11.11 6.57 6.33
C HIS A 38 -12.17 5.47 6.45
N GLY A 39 -11.86 4.27 5.98
CA GLY A 39 -12.80 3.17 5.98
C GLY A 39 -13.79 3.08 4.84
N TRP A 40 -14.76 2.18 4.97
CA TRP A 40 -15.74 1.95 3.93
C TRP A 40 -16.59 3.15 3.60
N ARG A 41 -16.86 3.33 2.33
CA ARG A 41 -17.69 4.41 1.84
C ARG A 41 -18.51 3.83 0.70
N ALA A 42 -19.80 4.17 0.66
CA ALA A 42 -20.66 3.67 -0.39
C ALA A 42 -20.42 4.51 -1.63
N ILE A 43 -20.50 3.88 -2.79
CA ILE A 43 -20.34 4.61 -4.04
C ILE A 43 -21.70 5.09 -4.49
N GLU A 44 -21.95 6.37 -4.29
CA GLU A 44 -23.17 7.01 -4.75
C GLU A 44 -23.28 7.18 -6.27
N ASP A 45 -22.19 7.55 -6.91
CA ASP A 45 -22.23 7.71 -8.35
C ASP A 45 -20.87 7.57 -8.98
N LEU A 46 -20.85 7.27 -10.27
CA LEU A 46 -19.58 7.14 -10.98
C LEU A 46 -19.81 7.36 -12.46
N TYR A 47 -18.92 8.12 -13.10
CA TYR A 47 -19.07 8.37 -14.53
C TYR A 47 -17.74 8.72 -15.16
N ARG A 48 -17.73 8.85 -16.47
CA ARG A 48 -16.52 9.14 -17.20
C ARG A 48 -16.43 10.57 -17.71
N VAL A 49 -15.22 11.12 -17.68
CA VAL A 49 -14.95 12.47 -18.17
C VAL A 49 -13.64 12.42 -18.92
N GLY A 50 -13.71 12.45 -20.25
CA GLY A 50 -12.51 12.39 -21.06
C GLY A 50 -11.91 10.99 -21.00
N GLU A 51 -10.76 10.86 -20.37
CA GLU A 51 -10.09 9.57 -20.26
C GLU A 51 -10.13 9.09 -18.82
N GLU A 52 -10.73 9.90 -17.96
CA GLU A 52 -10.80 9.57 -16.53
C GLU A 52 -12.17 9.17 -16.03
N LEU A 53 -12.18 8.55 -14.86
CA LEU A 53 -13.41 8.14 -14.21
C LEU A 53 -13.50 8.98 -12.93
N VAL A 54 -14.71 9.44 -12.61
CA VAL A 54 -14.94 10.26 -11.43
C VAL A 54 -15.84 9.50 -10.48
N VAL A 55 -15.47 9.48 -9.21
CA VAL A 55 -16.24 8.77 -8.20
C VAL A 55 -16.86 9.70 -7.19
N HIS A 56 -18.11 9.41 -6.81
CA HIS A 56 -18.82 10.19 -5.81
C HIS A 56 -19.08 9.23 -4.66
N LEU A 57 -18.48 9.50 -3.50
CA LEU A 57 -18.69 8.63 -2.35
C LEU A 57 -19.69 9.28 -1.41
N ALA A 58 -20.37 8.48 -0.60
CA ALA A 58 -21.32 9.05 0.34
C ALA A 58 -20.52 9.92 1.31
N GLY A 59 -21.08 11.08 1.67
CA GLY A 59 -20.38 11.97 2.58
C GLY A 59 -19.54 13.04 1.90
N VAL A 60 -18.96 12.73 0.75
CA VAL A 60 -18.11 13.67 0.00
C VAL A 60 -18.98 14.48 -0.96
N THR A 61 -19.54 15.57 -0.44
CA THR A 61 -20.45 16.40 -1.22
C THR A 61 -19.99 17.77 -1.74
N ASP A 62 -18.73 18.13 -1.52
CA ASP A 62 -18.18 19.39 -2.04
C ASP A 62 -16.68 19.23 -2.28
N ARG A 63 -16.09 20.12 -3.08
CA ARG A 63 -14.67 20.03 -3.40
C ARG A 63 -13.76 19.91 -2.17
N THR A 64 -14.09 20.65 -1.11
CA THR A 64 -13.30 20.63 0.12
C THR A 64 -13.21 19.21 0.72
N LEU A 65 -14.36 18.57 0.90
CA LEU A 65 -14.40 17.22 1.45
C LEU A 65 -13.68 16.26 0.51
N ALA A 66 -13.64 16.61 -0.77
CA ALA A 66 -12.97 15.79 -1.77
C ALA A 66 -11.45 15.91 -1.65
N GLU A 67 -10.93 17.13 -1.48
CA GLU A 67 -9.49 17.33 -1.36
C GLU A 67 -8.90 16.50 -0.24
N ALA A 68 -9.65 16.37 0.86
CA ALA A 68 -9.15 15.60 2.00
C ALA A 68 -8.79 14.16 1.63
N LEU A 69 -9.39 13.65 0.56
CA LEU A 69 -9.14 12.27 0.13
C LEU A 69 -8.15 12.10 -1.03
N VAL A 70 -7.75 13.21 -1.64
CA VAL A 70 -6.80 13.18 -2.75
C VAL A 70 -5.51 12.45 -2.36
N GLY A 71 -5.03 11.57 -3.24
CA GLY A 71 -3.81 10.85 -2.94
C GLY A 71 -3.96 9.60 -2.10
N LEU A 72 -5.15 9.37 -1.55
CA LEU A 72 -5.39 8.20 -0.70
C LEU A 72 -5.69 6.97 -1.52
N ARG A 73 -5.14 5.83 -1.11
CA ARG A 73 -5.35 4.58 -1.83
C ARG A 73 -6.76 4.05 -1.63
N VAL A 74 -7.26 3.34 -2.63
CA VAL A 74 -8.60 2.79 -2.60
C VAL A 74 -8.56 1.26 -2.63
N TYR A 75 -9.34 0.63 -1.74
CA TYR A 75 -9.37 -0.82 -1.61
C TYR A 75 -10.75 -1.42 -1.77
N ALA A 76 -10.77 -2.68 -2.20
CA ALA A 76 -12.01 -3.41 -2.37
C ALA A 76 -11.91 -4.76 -1.66
N GLU A 77 -13.04 -5.22 -1.14
CA GLU A 77 -13.10 -6.51 -0.48
C GLU A 77 -12.99 -7.55 -1.59
N VAL A 78 -12.06 -8.48 -1.46
CA VAL A 78 -11.86 -9.52 -2.46
C VAL A 78 -13.18 -10.15 -2.92
N ALA A 79 -14.06 -10.44 -1.96
CA ALA A 79 -15.35 -11.06 -2.25
C ALA A 79 -16.25 -10.18 -3.12
N ASP A 80 -15.98 -8.88 -3.15
CA ASP A 80 -16.80 -7.98 -3.95
C ASP A 80 -16.35 -7.87 -5.39
N LEU A 81 -15.13 -8.30 -5.67
CA LEU A 81 -14.62 -8.24 -7.03
C LEU A 81 -15.46 -9.15 -7.91
N PRO A 82 -15.77 -8.71 -9.13
CA PRO A 82 -16.58 -9.58 -9.99
C PRO A 82 -15.83 -10.87 -10.33
N PRO A 83 -16.51 -12.02 -10.25
CA PRO A 83 -15.85 -13.29 -10.56
C PRO A 83 -15.37 -13.34 -12.02
N LEU A 84 -14.25 -14.03 -12.23
CA LEU A 84 -13.66 -14.15 -13.57
C LEU A 84 -13.99 -15.48 -14.23
N GLU A 85 -14.03 -15.49 -15.55
CA GLU A 85 -14.33 -16.72 -16.28
C GLU A 85 -13.17 -17.69 -16.08
N GLU A 86 -13.46 -18.98 -16.17
CA GLU A 86 -12.43 -19.99 -16.03
C GLU A 86 -11.23 -19.63 -16.90
N GLY A 87 -10.03 -19.74 -16.33
CA GLY A 87 -8.83 -19.42 -17.09
C GLY A 87 -8.26 -18.03 -16.85
N ARG A 88 -8.97 -17.20 -16.09
CA ARG A 88 -8.49 -15.85 -15.78
C ARG A 88 -8.30 -15.69 -14.28
N TYR A 89 -7.30 -14.90 -13.89
CA TYR A 89 -6.99 -14.71 -12.48
C TYR A 89 -6.60 -13.28 -12.14
N TYR A 90 -6.93 -12.86 -10.93
CA TYR A 90 -6.56 -11.54 -10.47
C TYR A 90 -5.08 -11.60 -10.14
N TYR A 91 -4.35 -10.54 -10.50
CA TYR A 91 -2.92 -10.49 -10.24
C TYR A 91 -2.58 -10.80 -8.78
N PHE A 92 -3.36 -10.26 -7.85
CA PHE A 92 -3.09 -10.48 -6.45
C PHE A 92 -3.22 -11.95 -6.04
N ALA A 93 -4.02 -12.71 -6.79
CA ALA A 93 -4.22 -14.12 -6.47
C ALA A 93 -3.02 -14.96 -6.90
N LEU A 94 -2.25 -14.46 -7.86
CA LEU A 94 -1.10 -15.19 -8.36
C LEU A 94 0.19 -14.74 -7.68
N ILE A 95 0.31 -13.43 -7.44
CA ILE A 95 1.50 -12.90 -6.79
C ILE A 95 1.57 -13.51 -5.39
N GLY A 96 2.74 -14.02 -5.02
CA GLY A 96 2.91 -14.63 -3.72
C GLY A 96 2.88 -16.16 -3.79
N LEU A 97 2.35 -16.72 -4.87
CA LEU A 97 2.26 -18.19 -5.01
C LEU A 97 3.59 -18.88 -5.26
N PRO A 98 3.73 -20.11 -4.74
CA PRO A 98 4.98 -20.85 -4.95
C PRO A 98 4.99 -21.40 -6.38
N VAL A 99 6.18 -21.49 -6.97
CA VAL A 99 6.32 -22.00 -8.33
C VAL A 99 7.04 -23.36 -8.34
N TYR A 100 6.49 -24.32 -9.06
CA TYR A 100 7.08 -25.65 -9.10
C TYR A 100 7.52 -26.14 -10.47
N VAL A 101 8.59 -26.93 -10.44
CA VAL A 101 9.17 -27.57 -11.62
C VAL A 101 9.34 -29.04 -11.22
N GLU A 102 8.67 -29.94 -11.92
CA GLU A 102 8.76 -31.38 -11.61
C GLU A 102 8.48 -31.69 -10.14
N GLY A 103 7.41 -31.13 -9.60
CA GLY A 103 7.06 -31.37 -8.21
C GLY A 103 7.93 -30.73 -7.14
N ARG A 104 8.88 -29.89 -7.53
CA ARG A 104 9.76 -29.22 -6.55
C ARG A 104 9.69 -27.70 -6.61
N GLN A 105 9.66 -27.05 -5.45
CA GLN A 105 9.58 -25.58 -5.42
C GLN A 105 10.89 -24.96 -5.89
N VAL A 106 10.82 -24.10 -6.89
CA VAL A 106 12.01 -23.41 -7.39
C VAL A 106 11.94 -21.92 -7.13
N GLY A 107 10.72 -21.40 -6.95
CA GLY A 107 10.59 -19.98 -6.71
C GLY A 107 9.29 -19.50 -6.10
N GLU A 108 9.05 -18.21 -6.28
CA GLU A 108 7.88 -17.55 -5.72
C GLU A 108 7.54 -16.40 -6.66
N VAL A 109 6.27 -16.26 -7.04
CA VAL A 109 5.89 -15.15 -7.90
C VAL A 109 5.98 -13.84 -7.11
N VAL A 110 6.79 -12.89 -7.57
CA VAL A 110 6.91 -11.61 -6.88
C VAL A 110 6.20 -10.48 -7.61
N ASP A 111 5.85 -10.69 -8.87
CA ASP A 111 5.18 -9.64 -9.63
C ASP A 111 4.74 -10.16 -10.99
N ILE A 112 3.91 -9.40 -11.67
CA ILE A 112 3.44 -9.78 -12.99
C ILE A 112 3.50 -8.55 -13.89
N LEU A 113 4.06 -8.73 -15.07
CA LEU A 113 4.19 -7.62 -16.01
C LEU A 113 3.16 -7.77 -17.11
N ASP A 114 2.38 -6.73 -17.36
CA ASP A 114 1.38 -6.77 -18.43
C ASP A 114 2.11 -6.44 -19.72
N ALA A 115 2.33 -7.42 -20.57
CA ALA A 115 3.07 -7.21 -21.81
C ALA A 115 2.12 -6.88 -22.96
N GLY A 116 0.88 -6.63 -22.59
CA GLY A 116 -0.22 -6.34 -23.47
C GLY A 116 -0.89 -7.56 -24.05
N ALA A 117 -0.21 -8.30 -24.91
CA ALA A 117 -0.76 -9.56 -25.39
C ALA A 117 -0.86 -10.63 -24.31
N GLN A 118 0.20 -10.75 -23.51
CA GLN A 118 0.29 -11.76 -22.47
C GLN A 118 0.68 -11.15 -21.12
N ASP A 119 0.63 -11.95 -20.07
CA ASP A 119 1.03 -11.49 -18.74
C ASP A 119 2.32 -12.25 -18.43
N VAL A 120 3.30 -11.57 -17.87
CA VAL A 120 4.56 -12.22 -17.58
C VAL A 120 4.84 -12.33 -16.11
N LEU A 121 4.98 -13.57 -15.64
CA LEU A 121 5.26 -13.83 -14.25
C LEU A 121 6.72 -13.55 -13.98
N ILE A 122 6.98 -12.83 -12.89
CA ILE A 122 8.34 -12.52 -12.46
C ILE A 122 8.50 -13.42 -11.25
N ILE A 123 9.44 -14.35 -11.32
CA ILE A 123 9.66 -15.31 -10.25
C ILE A 123 10.97 -15.10 -9.49
N ARG A 124 10.88 -15.19 -8.18
CA ARG A 124 12.03 -15.02 -7.30
C ARG A 124 12.46 -16.38 -6.78
N GLY A 125 13.75 -16.69 -6.90
CA GLY A 125 14.23 -17.95 -6.40
C GLY A 125 14.06 -18.04 -4.90
N VAL A 126 13.88 -19.26 -4.40
CA VAL A 126 13.72 -19.50 -2.98
C VAL A 126 14.83 -20.50 -2.65
N GLY A 127 15.32 -20.48 -1.40
CA GLY A 127 16.40 -21.38 -1.03
C GLY A 127 17.74 -20.74 -1.31
N GLU A 128 18.71 -20.95 -0.42
CA GLU A 128 20.04 -20.38 -0.54
C GLU A 128 20.69 -20.42 -1.93
N ARG A 129 20.49 -21.51 -2.65
CA ARG A 129 21.09 -21.65 -3.97
C ARG A 129 20.46 -20.79 -5.07
N LEU A 130 19.15 -20.64 -5.04
CA LEU A 130 18.43 -19.88 -6.06
C LEU A 130 17.99 -18.49 -5.60
N ARG A 131 17.80 -18.34 -4.29
CA ARG A 131 17.35 -17.07 -3.72
C ARG A 131 18.10 -15.84 -4.22
N ASP A 132 19.38 -16.01 -4.55
CA ASP A 132 20.19 -14.88 -5.01
C ASP A 132 20.52 -14.83 -6.48
N ARG A 133 19.67 -15.41 -7.33
CA ARG A 133 19.88 -15.37 -8.77
C ARG A 133 19.04 -14.20 -9.27
N ALA A 134 19.06 -13.96 -10.57
CA ALA A 134 18.26 -12.90 -11.16
C ALA A 134 16.81 -13.35 -11.20
N GLU A 135 15.90 -12.42 -11.44
CA GLU A 135 14.49 -12.78 -11.52
C GLU A 135 14.29 -13.55 -12.81
N ARG A 136 13.38 -14.52 -12.78
CA ARG A 136 13.09 -15.32 -13.96
C ARG A 136 11.72 -14.90 -14.49
N LEU A 137 11.60 -14.80 -15.80
CA LEU A 137 10.33 -14.40 -16.40
C LEU A 137 9.72 -15.53 -17.20
N VAL A 138 8.40 -15.65 -17.09
CA VAL A 138 7.68 -16.69 -17.79
C VAL A 138 6.31 -16.24 -18.26
N PRO A 139 6.00 -16.43 -19.55
CA PRO A 139 4.70 -16.03 -20.07
C PRO A 139 3.66 -16.90 -19.36
N LEU A 140 2.64 -16.27 -18.78
CA LEU A 140 1.60 -17.00 -18.08
C LEU A 140 0.83 -17.90 -19.05
N GLN A 141 0.51 -17.36 -20.21
CA GLN A 141 -0.24 -18.09 -21.22
C GLN A 141 0.56 -19.14 -21.99
N ALA A 142 1.83 -19.35 -21.64
CA ALA A 142 2.61 -20.35 -22.34
C ALA A 142 1.98 -21.73 -22.05
N PRO A 143 1.99 -22.63 -23.03
CA PRO A 143 1.40 -23.94 -22.79
C PRO A 143 2.12 -24.76 -21.73
N TYR A 144 3.39 -24.47 -21.50
CA TYR A 144 4.15 -25.20 -20.51
C TYR A 144 4.03 -24.65 -19.08
N VAL A 145 3.07 -23.77 -18.85
CA VAL A 145 2.82 -23.20 -17.51
C VAL A 145 1.42 -23.61 -17.08
N ARG A 146 1.27 -24.07 -15.84
CA ARG A 146 -0.03 -24.49 -15.34
C ARG A 146 -0.37 -23.79 -14.03
N VAL A 147 -1.61 -23.36 -13.89
CA VAL A 147 -2.06 -22.69 -12.68
C VAL A 147 -2.96 -23.62 -11.90
N GLU A 148 -2.64 -23.83 -10.64
CA GLU A 148 -3.40 -24.70 -9.78
C GLU A 148 -3.85 -23.86 -8.58
N GLU A 149 -4.75 -24.41 -7.77
CA GLU A 149 -5.19 -23.69 -6.59
C GLU A 149 -4.01 -23.64 -5.61
N GLY A 150 -3.43 -22.46 -5.43
CA GLY A 150 -2.33 -22.33 -4.49
C GLY A 150 -0.93 -22.54 -5.03
N SER A 151 -0.78 -22.74 -6.33
CA SER A 151 0.56 -22.91 -6.87
C SER A 151 0.58 -22.82 -8.37
N ILE A 152 1.78 -22.64 -8.91
CA ILE A 152 1.96 -22.54 -10.35
C ILE A 152 3.04 -23.56 -10.69
N HIS A 153 2.88 -24.21 -11.83
CA HIS A 153 3.83 -25.22 -12.28
C HIS A 153 4.36 -24.93 -13.67
N VAL A 154 5.66 -25.12 -13.86
CA VAL A 154 6.27 -24.90 -15.15
C VAL A 154 7.15 -26.08 -15.58
N ASP A 155 7.06 -26.46 -16.85
CA ASP A 155 7.88 -27.54 -17.39
C ASP A 155 8.92 -26.76 -18.18
N PRO A 156 9.96 -26.27 -17.50
CA PRO A 156 11.03 -25.47 -18.11
C PRO A 156 11.65 -26.01 -19.37
N ILE A 157 11.50 -25.25 -20.45
CA ILE A 157 12.12 -25.64 -21.70
C ILE A 157 13.55 -25.17 -21.49
N PRO A 158 14.51 -25.75 -22.24
CA PRO A 158 15.89 -25.33 -22.07
C PRO A 158 16.08 -23.83 -22.27
N GLY A 159 16.79 -23.20 -21.34
CA GLY A 159 17.04 -21.78 -21.45
C GLY A 159 16.04 -20.90 -20.73
N LEU A 160 14.85 -21.43 -20.43
CA LEU A 160 13.84 -20.63 -19.75
C LEU A 160 14.40 -20.02 -18.47
N PHE A 161 14.79 -20.88 -17.53
CA PHE A 161 15.36 -20.44 -16.25
C PHE A 161 16.87 -20.56 -16.39
N ASP A 162 17.49 -19.72 -17.22
CA ASP A 162 18.92 -19.78 -17.41
C ASP A 162 19.53 -18.42 -17.78
N VAL B 9 10.00 -3.89 -43.22
CA VAL B 9 9.75 -5.26 -42.66
C VAL B 9 10.95 -6.17 -42.87
N PHE B 10 11.43 -6.76 -41.79
CA PHE B 10 12.58 -7.66 -41.84
C PHE B 10 12.65 -8.50 -40.57
N VAL B 11 13.30 -9.65 -40.69
CA VAL B 11 13.48 -10.54 -39.56
C VAL B 11 14.97 -10.65 -39.32
N ASP B 12 15.40 -10.47 -38.07
CA ASP B 12 16.82 -10.56 -37.77
C ASP B 12 17.30 -11.94 -38.19
N ASP B 13 18.18 -12.00 -39.18
CA ASP B 13 18.72 -13.26 -39.69
C ASP B 13 19.15 -14.18 -38.58
N HIS B 14 19.96 -13.65 -37.66
CA HIS B 14 20.45 -14.44 -36.55
C HIS B 14 19.32 -15.15 -35.84
N LEU B 15 18.28 -14.39 -35.50
CA LEU B 15 17.12 -14.95 -34.81
C LEU B 15 16.38 -15.97 -35.67
N LEU B 16 16.17 -15.64 -36.95
CA LEU B 16 15.47 -16.57 -37.84
C LEU B 16 16.27 -17.86 -37.95
N GLU B 17 17.59 -17.72 -38.14
CA GLU B 17 18.46 -18.87 -38.25
C GLU B 17 18.24 -19.79 -37.04
N LYS B 18 18.26 -19.20 -35.85
CA LYS B 18 18.08 -19.97 -34.62
C LYS B 18 16.73 -20.70 -34.67
N VAL B 19 15.69 -19.98 -35.05
CA VAL B 19 14.35 -20.53 -35.13
C VAL B 19 14.28 -21.69 -36.14
N LEU B 20 14.87 -21.49 -37.32
CA LEU B 20 14.85 -22.54 -38.32
C LEU B 20 15.58 -23.77 -37.80
N GLU B 21 16.72 -23.53 -37.17
CA GLU B 21 17.52 -24.61 -36.60
C GLU B 21 16.68 -25.44 -35.65
N LEU B 22 15.94 -24.77 -34.77
CA LEU B 22 15.10 -25.45 -33.80
C LEU B 22 13.98 -26.24 -34.45
N ASN B 23 13.32 -25.64 -35.44
CA ASN B 23 12.21 -26.30 -36.13
C ASN B 23 12.66 -27.60 -36.80
N ALA B 24 13.91 -27.62 -37.29
CA ALA B 24 14.44 -28.81 -37.94
C ALA B 24 14.68 -29.94 -36.94
N LYS B 25 15.07 -29.59 -35.70
CA LYS B 25 15.31 -30.58 -34.65
C LYS B 25 14.02 -30.96 -33.96
N GLY B 26 13.04 -30.07 -34.03
CA GLY B 26 11.77 -30.33 -33.38
C GLY B 26 11.87 -29.91 -31.91
N GLU B 27 12.93 -29.19 -31.58
CA GLU B 27 13.15 -28.73 -30.21
C GLU B 27 12.49 -27.39 -29.94
N LYS B 28 12.28 -27.11 -28.65
CA LYS B 28 11.70 -25.85 -28.18
C LYS B 28 12.67 -25.36 -27.11
N ARG B 29 13.35 -24.26 -27.41
CA ARG B 29 14.35 -23.69 -26.50
C ARG B 29 14.15 -22.18 -26.43
N LEU B 30 14.38 -21.58 -25.28
CA LEU B 30 14.23 -20.13 -25.16
C LEU B 30 15.27 -19.45 -26.05
N ILE B 31 14.82 -18.50 -26.87
CA ILE B 31 15.75 -17.78 -27.74
C ILE B 31 15.83 -16.32 -27.34
N LYS B 32 17.03 -15.88 -27.02
CA LYS B 32 17.23 -14.49 -26.62
C LYS B 32 17.52 -13.62 -27.84
N THR B 33 16.95 -12.42 -27.83
CA THR B 33 17.21 -11.50 -28.91
C THR B 33 17.13 -10.05 -28.45
N TRP B 34 17.94 -9.22 -29.08
CA TRP B 34 18.00 -7.79 -28.79
C TRP B 34 17.39 -7.02 -29.95
N SER B 35 16.75 -7.75 -30.86
CA SER B 35 16.14 -7.14 -32.04
C SER B 35 14.64 -6.88 -31.93
N ARG B 36 14.29 -5.72 -31.36
CA ARG B 36 12.89 -5.31 -31.19
C ARG B 36 12.19 -4.93 -32.49
N ARG B 37 12.96 -4.52 -33.49
CA ARG B 37 12.41 -4.12 -34.79
C ARG B 37 11.94 -5.29 -35.67
N SER B 38 12.64 -6.42 -35.59
CA SER B 38 12.29 -7.56 -36.42
C SER B 38 10.81 -7.92 -36.35
N THR B 39 10.27 -8.30 -37.49
CA THR B 39 8.87 -8.67 -37.61
C THR B 39 8.69 -10.17 -37.34
N ILE B 40 7.59 -10.54 -36.73
CA ILE B 40 7.34 -11.94 -36.43
C ILE B 40 6.82 -12.69 -37.66
N VAL B 41 7.44 -13.83 -37.97
CA VAL B 41 7.02 -14.65 -39.10
C VAL B 41 6.51 -16.01 -38.60
N PRO B 42 5.61 -16.63 -39.35
CA PRO B 42 5.00 -17.94 -39.04
C PRO B 42 5.94 -19.01 -38.50
N GLU B 43 7.20 -18.99 -38.92
CA GLU B 43 8.13 -20.00 -38.43
C GLU B 43 8.38 -19.86 -36.93
N MET B 44 8.05 -18.69 -36.38
CA MET B 44 8.24 -18.40 -34.96
C MET B 44 7.06 -18.81 -34.05
N VAL B 45 5.95 -19.21 -34.65
CA VAL B 45 4.78 -19.58 -33.87
C VAL B 45 5.07 -20.82 -33.02
N GLY B 46 4.82 -20.71 -31.72
CA GLY B 46 5.05 -21.82 -30.81
C GLY B 46 6.40 -21.74 -30.10
N HIS B 47 7.22 -20.76 -30.47
CA HIS B 47 8.52 -20.60 -29.84
C HIS B 47 8.41 -19.60 -28.69
N THR B 48 9.43 -19.58 -27.84
CA THR B 48 9.46 -18.63 -26.74
C THR B 48 10.66 -17.72 -27.00
N ILE B 49 10.37 -16.48 -27.39
CA ILE B 49 11.43 -15.53 -27.67
C ILE B 49 11.49 -14.46 -26.59
N ALA B 50 12.69 -14.29 -26.06
CA ALA B 50 12.93 -13.33 -24.99
C ALA B 50 13.44 -12.04 -25.61
N VAL B 51 12.57 -11.03 -25.67
CA VAL B 51 12.94 -9.76 -26.29
C VAL B 51 13.46 -8.77 -25.28
N TYR B 52 14.59 -8.15 -25.61
CA TYR B 52 15.22 -7.17 -24.74
C TYR B 52 14.43 -5.87 -24.73
N ASN B 53 14.26 -5.29 -23.55
CA ASN B 53 13.53 -4.03 -23.42
C ASN B 53 14.48 -2.94 -22.90
N GLY B 54 15.77 -3.21 -22.93
CA GLY B 54 16.73 -2.23 -22.47
C GLY B 54 17.35 -2.60 -21.13
N LYS B 55 16.65 -3.45 -20.38
CA LYS B 55 17.15 -3.86 -19.07
C LYS B 55 16.94 -5.36 -18.87
N GLN B 56 15.85 -5.90 -19.39
CA GLN B 56 15.55 -7.32 -19.25
C GLN B 56 15.04 -7.91 -20.54
N HIS B 57 15.13 -9.24 -20.64
CA HIS B 57 14.60 -9.93 -21.80
C HIS B 57 13.20 -10.40 -21.38
N VAL B 58 12.17 -9.89 -22.04
CA VAL B 58 10.80 -10.29 -21.71
C VAL B 58 10.41 -11.44 -22.64
N PRO B 59 10.14 -12.63 -22.07
CA PRO B 59 9.76 -13.80 -22.86
C PRO B 59 8.40 -13.66 -23.53
N VAL B 60 8.32 -14.11 -24.77
CA VAL B 60 7.07 -14.04 -25.52
C VAL B 60 6.69 -15.38 -26.13
N TYR B 61 5.54 -15.91 -25.77
CA TYR B 61 5.12 -17.17 -26.38
C TYR B 61 4.43 -16.75 -27.65
N ILE B 62 5.09 -16.97 -28.78
CA ILE B 62 4.54 -16.56 -30.07
C ILE B 62 3.27 -17.30 -30.49
N THR B 63 2.23 -16.54 -30.79
CA THR B 63 0.97 -17.13 -31.24
C THR B 63 0.71 -16.64 -32.66
N GLU B 64 -0.23 -17.31 -33.34
CA GLU B 64 -0.58 -16.97 -34.72
C GLU B 64 -0.92 -15.50 -34.86
N ASN B 65 -1.68 -14.98 -33.91
CA ASN B 65 -2.11 -13.58 -33.92
C ASN B 65 -0.95 -12.59 -33.97
N MET B 66 0.18 -12.97 -33.39
CA MET B 66 1.36 -12.10 -33.37
C MET B 66 2.07 -11.99 -34.70
N VAL B 67 1.83 -12.93 -35.60
CA VAL B 67 2.48 -12.89 -36.90
C VAL B 67 2.18 -11.54 -37.55
N GLY B 68 3.21 -10.87 -38.03
CA GLY B 68 3.02 -9.59 -38.66
C GLY B 68 3.39 -8.40 -37.79
N HIS B 69 3.46 -8.63 -36.49
CA HIS B 69 3.80 -7.57 -35.55
C HIS B 69 5.29 -7.53 -35.26
N LYS B 70 5.71 -6.46 -34.59
CA LYS B 70 7.11 -6.30 -34.23
C LYS B 70 7.29 -6.92 -32.85
N LEU B 71 8.43 -7.57 -32.64
CA LEU B 71 8.71 -8.20 -31.37
C LEU B 71 8.65 -7.21 -30.19
N GLY B 72 9.03 -5.96 -30.44
CA GLY B 72 9.03 -4.95 -29.40
C GLY B 72 7.66 -4.70 -28.80
N GLU B 73 6.63 -4.99 -29.58
CA GLU B 73 5.26 -4.79 -29.16
C GLU B 73 4.86 -5.68 -27.98
N PHE B 74 5.68 -6.69 -27.69
CA PHE B 74 5.36 -7.61 -26.60
C PHE B 74 6.35 -7.60 -25.45
N ALA B 75 7.32 -6.70 -25.52
CA ALA B 75 8.33 -6.58 -24.48
C ALA B 75 8.43 -5.14 -24.00
N PRO B 76 7.50 -4.71 -23.15
CA PRO B 76 7.54 -3.34 -22.65
C PRO B 76 8.49 -3.26 -21.46
N THR B 77 8.85 -2.04 -21.08
CA THR B 77 9.72 -1.84 -19.92
C THR B 77 8.85 -2.04 -18.68
N ARG B 78 9.46 -2.34 -17.54
CA ARG B 78 8.69 -2.51 -16.31
C ARG B 78 8.70 -1.16 -15.61
N THR B 79 8.87 -0.10 -16.40
CA THR B 79 8.96 1.27 -15.91
C THR B 79 7.79 1.82 -15.08
N TYR B 80 6.58 1.79 -15.63
CA TYR B 80 5.43 2.34 -14.92
C TYR B 80 4.78 1.41 -13.90
N ARG B 81 4.49 1.96 -12.73
CA ARG B 81 3.83 1.24 -11.66
C ARG B 81 2.40 1.77 -11.67
N GLY B 82 1.44 0.89 -11.95
CA GLY B 82 0.05 1.32 -11.98
C GLY B 82 -0.71 1.17 -10.67
N HIS B 83 -1.49 2.18 -10.32
CA HIS B 83 -2.26 2.14 -9.08
C HIS B 83 -3.22 0.95 -9.21
N GLY B 84 -3.50 0.30 -8.10
CA GLY B 84 -4.40 -0.85 -8.13
C GLY B 84 -4.00 -1.95 -9.09
N LYS B 85 -2.71 -2.03 -9.41
CA LYS B 85 -2.20 -3.06 -10.31
C LYS B 85 -2.60 -4.48 -9.87
N GLU B 86 -2.61 -4.74 -8.57
CA GLU B 86 -2.95 -6.08 -8.12
C GLU B 86 -4.41 -6.49 -8.37
N ALA B 87 -5.24 -5.53 -8.79
CA ALA B 87 -6.64 -5.82 -9.07
C ALA B 87 -6.88 -6.14 -10.54
N LYS B 88 -5.81 -6.08 -11.33
CA LYS B 88 -5.89 -6.41 -12.77
C LYS B 88 -6.19 -7.89 -12.94
N ALA B 89 -6.72 -8.25 -14.10
CA ALA B 89 -7.03 -9.65 -14.41
C ALA B 89 -6.16 -10.10 -15.59
N THR B 90 -5.70 -11.34 -15.54
CA THR B 90 -4.85 -11.88 -16.60
C THR B 90 -5.61 -12.21 -17.87
N LYS B 91 -4.91 -12.17 -19.00
CA LYS B 91 -5.54 -12.51 -20.28
C LYS B 91 -5.88 -13.99 -20.16
N LYS B 92 -7.06 -14.38 -20.64
CA LYS B 92 -7.49 -15.76 -20.54
C LYS B 92 -6.47 -16.75 -21.04
N LYS B 93 -6.24 -17.78 -20.26
CA LYS B 93 -5.29 -18.82 -20.58
C LYS B 93 -5.92 -19.79 -21.58
N ARG C 2 -0.41 -10.52 6.62
CA ARG C 2 0.88 -10.87 7.24
C ARG C 2 1.93 -9.78 6.98
N LEU C 3 1.67 -8.93 6.01
CA LEU C 3 2.61 -7.86 5.69
C LEU C 3 2.19 -6.51 6.25
N VAL C 4 3.15 -5.81 6.83
CA VAL C 4 2.89 -4.49 7.40
C VAL C 4 3.84 -3.49 6.73
N GLU C 5 3.29 -2.38 6.24
CA GLU C 5 4.12 -1.36 5.61
C GLU C 5 4.98 -0.66 6.66
N ILE C 6 6.28 -0.55 6.41
CA ILE C 6 7.16 0.11 7.37
C ILE C 6 7.88 1.32 6.78
N GLY C 7 7.85 1.46 5.46
CA GLY C 7 8.50 2.58 4.83
C GLY C 7 8.52 2.57 3.31
N ARG C 8 9.38 3.40 2.75
CA ARG C 8 9.53 3.52 1.31
C ARG C 8 10.98 3.90 1.02
N PHE C 9 11.51 3.47 -0.12
CA PHE C 9 12.89 3.81 -0.43
C PHE C 9 12.99 5.20 -1.04
N GLY C 10 14.06 5.91 -0.69
CA GLY C 10 14.30 7.23 -1.23
C GLY C 10 15.38 7.10 -2.28
N ALA C 11 16.13 8.18 -2.49
CA ALA C 11 17.19 8.16 -3.50
C ALA C 11 18.36 7.29 -3.09
N PRO C 12 19.06 6.69 -4.08
CA PRO C 12 20.21 5.84 -3.74
C PRO C 12 21.26 6.67 -3.00
N TYR C 13 22.13 5.98 -2.26
CA TYR C 13 23.18 6.64 -1.51
C TYR C 13 24.53 6.09 -1.95
N ALA C 14 25.37 6.96 -2.49
CA ALA C 14 26.69 6.54 -2.96
C ALA C 14 26.51 5.63 -4.15
N LEU C 15 27.49 4.78 -4.42
CA LEU C 15 27.41 3.89 -5.58
C LEU C 15 27.53 2.41 -5.23
N LYS C 16 27.51 2.09 -3.95
CA LYS C 16 27.61 0.69 -3.53
C LYS C 16 26.25 0.02 -3.41
N GLY C 17 25.22 0.65 -3.99
CA GLY C 17 23.89 0.08 -3.96
C GLY C 17 23.03 0.52 -2.78
N GLY C 18 23.65 1.22 -1.83
CA GLY C 18 22.91 1.69 -0.68
C GLY C 18 21.68 2.49 -1.08
N LEU C 19 20.59 2.28 -0.36
CA LEU C 19 19.34 2.97 -0.63
C LEU C 19 18.86 3.73 0.59
N ARG C 20 18.41 4.96 0.38
CA ARG C 20 17.88 5.75 1.49
C ARG C 20 16.53 5.16 1.90
N PHE C 21 16.34 5.02 3.21
CA PHE C 21 15.09 4.47 3.73
C PHE C 21 14.29 5.54 4.47
N ARG C 22 13.04 5.69 4.09
CA ARG C 22 12.13 6.65 4.72
C ARG C 22 10.97 5.86 5.29
N GLY C 23 10.94 5.72 6.61
CA GLY C 23 9.86 4.97 7.23
C GLY C 23 10.02 4.85 8.73
N GLU C 24 9.57 3.74 9.30
CA GLU C 24 9.68 3.56 10.73
C GLU C 24 10.98 2.92 11.18
N PRO C 25 11.53 3.40 12.32
CA PRO C 25 12.79 2.91 12.90
C PRO C 25 12.81 1.40 13.15
N VAL C 26 11.64 0.79 13.14
CA VAL C 26 11.52 -0.65 13.37
C VAL C 26 12.41 -1.46 12.42
N VAL C 27 12.84 -0.81 11.33
CA VAL C 27 13.68 -1.43 10.32
C VAL C 27 15.04 -1.83 10.90
N LEU C 28 15.41 -1.24 12.03
CA LEU C 28 16.68 -1.53 12.69
C LEU C 28 16.70 -2.91 13.35
N HIS C 29 15.54 -3.53 13.49
CA HIS C 29 15.46 -4.85 14.14
C HIS C 29 14.99 -5.95 13.22
N LEU C 30 15.14 -5.74 11.91
CA LEU C 30 14.71 -6.73 10.94
C LEU C 30 15.91 -7.32 10.24
N GLU C 31 15.79 -8.56 9.80
CA GLU C 31 16.87 -9.22 9.10
C GLU C 31 16.55 -9.27 7.62
N ARG C 32 15.30 -9.00 7.28
CA ARG C 32 14.87 -9.00 5.88
C ARG C 32 13.61 -8.17 5.71
N VAL C 33 13.39 -7.67 4.49
CA VAL C 33 12.20 -6.89 4.20
C VAL C 33 11.60 -7.34 2.88
N TYR C 34 10.31 -7.06 2.68
CA TYR C 34 9.63 -7.43 1.46
C TYR C 34 9.43 -6.16 0.64
N VAL C 35 9.99 -6.13 -0.56
CA VAL C 35 9.89 -4.98 -1.43
C VAL C 35 8.80 -5.09 -2.48
N GLU C 36 7.93 -4.10 -2.51
CA GLU C 36 6.85 -4.05 -3.47
C GLU C 36 7.30 -4.50 -4.87
N GLY C 37 6.62 -5.51 -5.40
CA GLY C 37 6.88 -5.96 -6.75
C GLY C 37 8.14 -6.80 -6.90
N HIS C 38 8.87 -6.95 -5.81
CA HIS C 38 10.14 -7.69 -5.83
C HIS C 38 10.32 -8.82 -4.82
N GLY C 39 9.42 -8.91 -3.84
CA GLY C 39 9.53 -9.95 -2.84
C GLY C 39 10.59 -9.72 -1.77
N TRP C 40 10.91 -10.80 -1.06
CA TRP C 40 11.88 -10.77 0.03
C TRP C 40 13.31 -10.48 -0.35
N ARG C 41 13.95 -9.65 0.46
CA ARG C 41 15.35 -9.28 0.27
C ARG C 41 15.93 -9.12 1.66
N ALA C 42 17.06 -9.79 1.91
CA ALA C 42 17.70 -9.70 3.21
C ALA C 42 18.41 -8.36 3.35
N ILE C 43 18.51 -7.89 4.59
CA ILE C 43 19.23 -6.66 4.84
C ILE C 43 20.66 -7.13 5.14
N GLU C 44 21.53 -6.93 4.17
CA GLU C 44 22.95 -7.15 4.32
C GLU C 44 23.66 -6.10 5.20
N ASP C 45 23.28 -4.84 5.05
CA ASP C 45 23.85 -3.76 5.84
C ASP C 45 22.87 -2.61 6.06
N LEU C 46 22.96 -1.98 7.22
CA LEU C 46 22.20 -0.78 7.54
C LEU C 46 23.08 0.22 8.29
N TYR C 47 23.10 1.48 7.86
CA TYR C 47 23.86 2.50 8.57
C TYR C 47 23.31 3.90 8.39
N ARG C 48 23.75 4.81 9.27
CA ARG C 48 23.30 6.18 9.24
C ARG C 48 24.24 7.13 8.51
N VAL C 49 23.63 8.13 7.88
CA VAL C 49 24.33 9.17 7.16
C VAL C 49 23.55 10.44 7.48
N GLY C 50 24.07 11.25 8.38
CA GLY C 50 23.37 12.47 8.75
C GLY C 50 22.08 12.12 9.45
N GLU C 51 20.97 12.63 8.94
CA GLU C 51 19.67 12.36 9.53
C GLU C 51 19.02 11.11 8.93
N GLU C 52 19.59 10.63 7.83
CA GLU C 52 19.04 9.48 7.13
C GLU C 52 19.64 8.11 7.49
N LEU C 53 18.87 7.07 7.19
CA LEU C 53 19.31 5.70 7.42
C LEU C 53 19.49 5.15 6.01
N VAL C 54 20.56 4.40 5.78
CA VAL C 54 20.79 3.84 4.46
C VAL C 54 20.78 2.33 4.56
N VAL C 55 19.97 1.71 3.72
CA VAL C 55 19.85 0.26 3.73
C VAL C 55 20.49 -0.38 2.52
N HIS C 56 21.06 -1.56 2.73
CA HIS C 56 21.68 -2.34 1.67
C HIS C 56 20.92 -3.64 1.62
N LEU C 57 20.28 -3.92 0.50
CA LEU C 57 19.53 -5.15 0.35
C LEU C 57 20.26 -6.15 -0.52
N ALA C 58 19.99 -7.41 -0.30
CA ALA C 58 20.59 -8.47 -1.11
C ALA C 58 20.17 -8.26 -2.56
N GLY C 59 21.14 -8.25 -3.47
CA GLY C 59 20.84 -8.06 -4.88
C GLY C 59 20.87 -6.62 -5.34
N VAL C 60 21.16 -5.70 -4.43
CA VAL C 60 21.22 -4.29 -4.77
C VAL C 60 22.68 -3.88 -4.58
N THR C 61 23.48 -4.19 -5.59
CA THR C 61 24.91 -3.94 -5.59
C THR C 61 25.36 -2.51 -5.90
N ASP C 62 24.94 -1.97 -7.04
CA ASP C 62 25.35 -0.62 -7.42
C ASP C 62 24.18 0.37 -7.49
N ARG C 63 24.50 1.59 -7.86
CA ARG C 63 23.49 2.64 -7.94
C ARG C 63 22.36 2.35 -8.93
N THR C 64 22.70 1.84 -10.11
CA THR C 64 21.67 1.55 -11.11
C THR C 64 20.65 0.57 -10.53
N LEU C 65 21.14 -0.41 -9.80
CA LEU C 65 20.30 -1.42 -9.17
C LEU C 65 19.40 -0.84 -8.09
N ALA C 66 19.89 0.22 -7.45
CA ALA C 66 19.13 0.87 -6.38
C ALA C 66 18.08 1.80 -6.97
N GLU C 67 18.43 2.52 -8.03
CA GLU C 67 17.54 3.45 -8.68
C GLU C 67 16.19 2.80 -9.03
N ALA C 68 16.24 1.53 -9.40
CA ALA C 68 15.05 0.78 -9.76
C ALA C 68 14.07 0.60 -8.60
N LEU C 69 14.60 0.59 -7.38
CA LEU C 69 13.76 0.41 -6.21
C LEU C 69 13.26 1.72 -5.61
N VAL C 70 13.79 2.83 -6.09
CA VAL C 70 13.40 4.14 -5.59
C VAL C 70 11.88 4.33 -5.61
N GLY C 71 11.34 4.77 -4.49
CA GLY C 71 9.90 4.99 -4.41
C GLY C 71 9.05 3.78 -4.08
N LEU C 72 9.65 2.60 -4.04
CA LEU C 72 8.89 1.41 -3.74
C LEU C 72 8.63 1.23 -2.25
N ARG C 73 7.45 0.71 -1.91
CA ARG C 73 7.08 0.49 -0.52
C ARG C 73 7.80 -0.71 0.09
N VAL C 74 8.19 -0.59 1.35
CA VAL C 74 8.90 -1.66 2.04
C VAL C 74 8.03 -2.24 3.13
N TYR C 75 7.93 -3.56 3.17
CA TYR C 75 7.11 -4.23 4.19
C TYR C 75 7.88 -5.19 5.08
N ALA C 76 7.25 -5.59 6.17
CA ALA C 76 7.83 -6.52 7.12
C ALA C 76 6.76 -7.52 7.53
N GLU C 77 7.19 -8.68 8.01
CA GLU C 77 6.25 -9.70 8.46
C GLU C 77 5.87 -9.36 9.89
N VAL C 78 4.58 -9.37 10.20
CA VAL C 78 4.10 -9.06 11.53
C VAL C 78 4.89 -9.83 12.60
N ALA C 79 5.12 -11.12 12.35
CA ALA C 79 5.85 -11.97 13.27
C ALA C 79 7.30 -11.58 13.53
N ASP C 80 7.88 -10.73 12.67
CA ASP C 80 9.27 -10.32 12.87
C ASP C 80 9.39 -9.04 13.70
N LEU C 81 8.31 -8.26 13.74
CA LEU C 81 8.33 -7.01 14.48
C LEU C 81 8.71 -7.22 15.94
N PRO C 82 9.49 -6.31 16.52
CA PRO C 82 9.89 -6.44 17.92
C PRO C 82 8.69 -6.18 18.85
N PRO C 83 8.48 -7.06 19.83
CA PRO C 83 7.38 -6.91 20.78
C PRO C 83 7.51 -5.61 21.59
N LEU C 84 6.39 -5.00 21.91
CA LEU C 84 6.35 -3.76 22.66
C LEU C 84 6.16 -3.98 24.16
N GLU C 85 6.47 -2.96 24.95
CA GLU C 85 6.30 -3.04 26.39
C GLU C 85 4.81 -2.96 26.71
N GLU C 86 4.47 -3.09 27.99
CA GLU C 86 3.08 -3.03 28.41
C GLU C 86 2.51 -1.64 28.16
N GLY C 87 1.29 -1.60 27.64
CA GLY C 87 0.65 -0.32 27.39
C GLY C 87 0.93 0.31 26.05
N ARG C 88 1.69 -0.36 25.19
CA ARG C 88 1.99 0.17 23.86
C ARG C 88 1.48 -0.81 22.82
N TYR C 89 1.08 -0.29 21.66
CA TYR C 89 0.52 -1.11 20.58
C TYR C 89 0.95 -0.60 19.20
N TYR C 90 0.90 -1.49 18.20
CA TYR C 90 1.24 -1.11 16.85
C TYR C 90 -0.02 -0.55 16.21
N TYR C 91 0.13 0.57 15.51
CA TYR C 91 -0.99 1.19 14.82
C TYR C 91 -1.85 0.18 14.05
N PHE C 92 -1.22 -0.66 13.25
CA PHE C 92 -1.97 -1.64 12.45
C PHE C 92 -2.81 -2.61 13.30
N ALA C 93 -2.43 -2.80 14.55
CA ALA C 93 -3.16 -3.68 15.47
C ALA C 93 -4.42 -3.01 16.00
N LEU C 94 -4.38 -1.69 16.14
CA LEU C 94 -5.52 -0.93 16.63
C LEU C 94 -6.47 -0.51 15.50
N ILE C 95 -5.90 -0.09 14.37
CA ILE C 95 -6.71 0.29 13.22
C ILE C 95 -7.52 -0.91 12.75
N GLY C 96 -8.83 -0.76 12.69
CA GLY C 96 -9.69 -1.85 12.28
C GLY C 96 -10.57 -2.39 13.40
N LEU C 97 -10.16 -2.15 14.66
CA LEU C 97 -10.92 -2.61 15.81
C LEU C 97 -12.25 -1.88 16.00
N PRO C 98 -13.30 -2.61 16.39
CA PRO C 98 -14.59 -1.97 16.59
C PRO C 98 -14.49 -1.17 17.89
N VAL C 99 -15.20 -0.05 17.97
CA VAL C 99 -15.17 0.81 19.15
C VAL C 99 -16.52 0.78 19.87
N TYR C 100 -16.50 0.54 21.18
CA TYR C 100 -17.75 0.45 21.93
C TYR C 100 -17.93 1.50 23.01
N VAL C 101 -19.20 1.72 23.37
CA VAL C 101 -19.58 2.63 24.42
C VAL C 101 -20.76 1.97 25.14
N GLU C 102 -20.57 1.67 26.41
CA GLU C 102 -21.61 1.04 27.19
C GLU C 102 -22.06 -0.28 26.58
N GLY C 103 -21.13 -1.01 25.97
CA GLY C 103 -21.47 -2.30 25.36
C GLY C 103 -22.08 -2.25 23.98
N ARG C 104 -22.25 -1.06 23.43
CA ARG C 104 -22.82 -0.91 22.08
C ARG C 104 -21.74 -0.44 21.13
N GLN C 105 -21.63 -1.07 19.97
CA GLN C 105 -20.63 -0.64 19.02
C GLN C 105 -21.07 0.69 18.41
N VAL C 106 -20.22 1.70 18.51
CA VAL C 106 -20.54 3.01 17.95
C VAL C 106 -19.62 3.36 16.80
N GLY C 107 -18.55 2.59 16.64
CA GLY C 107 -17.63 2.91 15.56
C GLY C 107 -16.56 1.89 15.25
N GLU C 108 -15.59 2.35 14.46
CA GLU C 108 -14.47 1.55 14.02
C GLU C 108 -13.26 2.46 13.81
N VAL C 109 -12.14 2.08 14.39
CA VAL C 109 -10.92 2.86 14.25
C VAL C 109 -10.50 2.78 12.79
N VAL C 110 -10.43 3.93 12.12
CA VAL C 110 -10.04 3.98 10.73
C VAL C 110 -8.67 4.59 10.51
N ASP C 111 -8.09 5.18 11.56
CA ASP C 111 -6.76 5.78 11.45
C ASP C 111 -6.29 6.29 12.80
N ILE C 112 -4.99 6.57 12.90
CA ILE C 112 -4.43 7.11 14.12
C ILE C 112 -3.54 8.28 13.73
N LEU C 113 -3.71 9.39 14.43
CA LEU C 113 -2.94 10.60 14.16
C LEU C 113 -1.83 10.71 15.19
N ASP C 114 -0.60 10.90 14.73
CA ASP C 114 0.53 11.05 15.63
C ASP C 114 0.59 12.54 15.99
N ALA C 115 0.02 12.88 17.14
CA ALA C 115 -0.03 14.26 17.60
C ALA C 115 1.18 14.67 18.42
N GLY C 116 2.16 13.78 18.54
CA GLY C 116 3.37 14.09 19.30
C GLY C 116 3.42 13.36 20.63
N ALA C 117 2.96 14.03 21.68
CA ALA C 117 2.97 13.44 23.02
C ALA C 117 1.93 12.35 23.17
N GLN C 118 0.87 12.41 22.36
CA GLN C 118 -0.20 11.41 22.44
C GLN C 118 -0.59 10.93 21.04
N ASP C 119 -1.33 9.82 20.99
CA ASP C 119 -1.82 9.27 19.72
C ASP C 119 -3.33 9.49 19.73
N VAL C 120 -3.87 10.03 18.65
CA VAL C 120 -5.30 10.29 18.58
C VAL C 120 -6.02 9.32 17.66
N LEU C 121 -6.95 8.56 18.22
CA LEU C 121 -7.73 7.60 17.45
C LEU C 121 -8.72 8.35 16.58
N ILE C 122 -8.84 7.94 15.32
CA ILE C 122 -9.81 8.55 14.41
C ILE C 122 -10.83 7.44 14.20
N ILE C 123 -12.03 7.67 14.72
CA ILE C 123 -13.11 6.70 14.67
C ILE C 123 -14.25 7.00 13.70
N ARG C 124 -14.57 6.00 12.89
CA ARG C 124 -15.66 6.09 11.92
C ARG C 124 -16.92 5.50 12.54
N GLY C 125 -17.97 6.30 12.68
CA GLY C 125 -19.20 5.80 13.27
C GLY C 125 -19.89 4.76 12.42
N VAL C 126 -20.70 3.92 13.07
CA VAL C 126 -21.48 2.87 12.39
C VAL C 126 -22.92 2.91 12.90
N GLY C 127 -23.86 2.94 11.96
CA GLY C 127 -25.26 2.99 12.32
C GLY C 127 -26.09 3.22 11.07
N GLU C 128 -27.39 3.41 11.23
CA GLU C 128 -28.27 3.63 10.08
C GLU C 128 -28.20 5.08 9.63
N ARG C 129 -28.48 6.00 10.55
CA ARG C 129 -28.46 7.43 10.26
C ARG C 129 -27.07 7.89 9.85
N LEU C 130 -27.02 8.81 8.90
CA LEU C 130 -25.76 9.35 8.41
C LEU C 130 -25.05 10.11 9.54
N ARG C 131 -25.84 10.60 10.49
CA ARG C 131 -25.33 11.35 11.64
C ARG C 131 -24.47 10.46 12.54
N ASP C 132 -24.79 9.17 12.58
CA ASP C 132 -24.07 8.21 13.39
C ASP C 132 -22.74 7.80 12.76
N ARG C 133 -22.57 8.11 11.48
CA ARG C 133 -21.35 7.75 10.77
C ARG C 133 -20.31 8.85 10.66
N ALA C 134 -20.46 9.91 11.46
CA ALA C 134 -19.50 11.00 11.42
C ALA C 134 -18.16 10.52 11.99
N GLU C 135 -17.11 11.30 11.79
CA GLU C 135 -15.78 10.94 12.27
C GLU C 135 -15.44 11.60 13.61
N ARG C 136 -15.09 10.78 14.60
CA ARG C 136 -14.74 11.30 15.92
C ARG C 136 -13.29 11.02 16.28
N LEU C 137 -12.67 11.96 17.01
CA LEU C 137 -11.29 11.82 17.45
C LEU C 137 -11.26 11.67 18.96
N VAL C 138 -10.44 10.74 19.44
CA VAL C 138 -10.30 10.47 20.87
C VAL C 138 -8.85 10.17 21.23
N PRO C 139 -8.32 10.82 22.28
CA PRO C 139 -6.93 10.57 22.67
C PRO C 139 -6.78 9.16 23.25
N LEU C 140 -5.90 8.36 22.66
CA LEU C 140 -5.68 7.00 23.13
C LEU C 140 -5.23 6.93 24.59
N GLN C 141 -4.28 7.77 24.95
CA GLN C 141 -3.76 7.77 26.31
C GLN C 141 -4.72 8.34 27.36
N ALA C 142 -5.95 8.65 26.98
CA ALA C 142 -6.90 9.17 27.96
C ALA C 142 -7.36 8.03 28.86
N PRO C 143 -7.63 8.32 30.14
CA PRO C 143 -8.06 7.29 31.09
C PRO C 143 -9.43 6.73 30.76
N TYR C 144 -10.26 7.51 30.07
CA TYR C 144 -11.58 7.00 29.72
C TYR C 144 -11.58 6.13 28.46
N VAL C 145 -10.39 5.75 27.99
CA VAL C 145 -10.30 4.87 26.83
C VAL C 145 -9.72 3.54 27.31
N ARG C 146 -10.38 2.44 26.95
CA ARG C 146 -9.94 1.10 27.36
C ARG C 146 -9.62 0.23 26.14
N VAL C 147 -8.44 -0.37 26.12
CA VAL C 147 -8.03 -1.21 24.99
C VAL C 147 -8.02 -2.68 25.35
N GLU C 148 -8.82 -3.48 24.65
CA GLU C 148 -8.87 -4.92 24.88
C GLU C 148 -8.20 -5.63 23.71
N GLU C 149 -8.16 -6.96 23.73
CA GLU C 149 -7.52 -7.71 22.66
C GLU C 149 -8.10 -7.48 21.26
N GLY C 150 -9.42 -7.43 21.16
CA GLY C 150 -10.03 -7.21 19.86
C GLY C 150 -11.06 -6.11 19.84
N SER C 151 -10.89 -5.08 20.66
CA SER C 151 -11.87 -4.01 20.68
C SER C 151 -11.42 -2.87 21.55
N ILE C 152 -12.07 -1.73 21.37
CA ILE C 152 -11.76 -0.54 22.15
C ILE C 152 -13.04 0.00 22.78
N HIS C 153 -12.94 0.32 24.07
CA HIS C 153 -14.08 0.80 24.83
C HIS C 153 -13.84 2.21 25.36
N VAL C 154 -14.81 3.08 25.13
CA VAL C 154 -14.71 4.47 25.54
C VAL C 154 -15.84 4.88 26.47
N ASP C 155 -15.46 5.46 27.61
CA ASP C 155 -16.42 5.95 28.59
C ASP C 155 -16.51 7.41 28.20
N PRO C 156 -17.44 7.73 27.29
CA PRO C 156 -17.67 9.08 26.77
C PRO C 156 -17.89 10.19 27.77
N ILE C 157 -17.04 11.21 27.73
CA ILE C 157 -17.21 12.34 28.60
C ILE C 157 -18.17 13.23 27.82
N PRO C 158 -18.95 14.07 28.51
CA PRO C 158 -19.91 14.95 27.85
C PRO C 158 -19.35 15.69 26.64
N GLY C 159 -19.94 15.44 25.47
CA GLY C 159 -19.50 16.12 24.26
C GLY C 159 -18.43 15.48 23.41
N LEU C 160 -17.83 14.38 23.88
CA LEU C 160 -16.78 13.74 23.11
C LEU C 160 -17.30 13.21 21.78
N PHE C 161 -18.52 12.67 21.79
CA PHE C 161 -19.15 12.14 20.59
C PHE C 161 -20.36 12.97 20.20
N ASP C 162 -20.43 14.19 20.72
CA ASP C 162 -21.54 15.08 20.42
C ASP C 162 -21.40 15.70 19.03
N VAL D 9 2.54 34.43 30.22
CA VAL D 9 1.76 33.45 29.39
C VAL D 9 0.38 34.00 29.06
N PHE D 10 0.05 34.02 27.77
CA PHE D 10 -1.25 34.51 27.33
C PHE D 10 -2.23 33.34 27.20
N VAL D 11 -2.89 33.01 28.31
CA VAL D 11 -3.85 31.92 28.34
C VAL D 11 -5.26 32.47 28.06
N ASP D 12 -5.83 32.09 26.92
CA ASP D 12 -7.16 32.56 26.56
C ASP D 12 -8.07 32.56 27.77
N ASP D 13 -8.88 33.60 27.91
CA ASP D 13 -9.78 33.74 29.05
C ASP D 13 -11.08 32.97 28.89
N HIS D 14 -11.54 32.83 27.66
CA HIS D 14 -12.79 32.12 27.43
C HIS D 14 -12.60 30.63 27.71
N LEU D 15 -11.39 30.16 27.45
CA LEU D 15 -11.03 28.77 27.70
C LEU D 15 -10.86 28.56 29.19
N LEU D 16 -10.05 29.41 29.81
CA LEU D 16 -9.77 29.32 31.24
C LEU D 16 -11.05 29.39 32.06
N GLU D 17 -11.99 30.24 31.63
CA GLU D 17 -13.24 30.38 32.35
C GLU D 17 -13.99 29.06 32.32
N LYS D 18 -13.96 28.38 31.18
CA LYS D 18 -14.65 27.12 31.02
C LYS D 18 -14.05 26.01 31.89
N VAL D 19 -12.72 25.94 31.93
CA VAL D 19 -12.06 24.93 32.75
C VAL D 19 -12.40 25.14 34.22
N LEU D 20 -12.37 26.41 34.66
CA LEU D 20 -12.68 26.73 36.05
C LEU D 20 -14.10 26.32 36.39
N GLU D 21 -15.03 26.64 35.49
CA GLU D 21 -16.42 26.28 35.69
C GLU D 21 -16.48 24.79 35.91
N LEU D 22 -15.84 24.03 35.02
CA LEU D 22 -15.83 22.58 35.11
C LEU D 22 -15.18 22.10 36.41
N ASN D 23 -14.03 22.66 36.75
CA ASN D 23 -13.35 22.26 37.97
C ASN D 23 -14.23 22.57 39.18
N ALA D 24 -15.06 23.59 39.04
CA ALA D 24 -15.95 23.98 40.12
C ALA D 24 -16.98 22.88 40.36
N LYS D 25 -17.61 22.43 39.29
CA LYS D 25 -18.63 21.40 39.37
C LYS D 25 -18.02 20.01 39.49
N GLY D 26 -16.71 19.93 39.35
CA GLY D 26 -16.04 18.64 39.41
C GLY D 26 -16.49 17.77 38.25
N GLU D 27 -16.67 18.39 37.09
CA GLU D 27 -17.09 17.67 35.91
C GLU D 27 -16.12 17.86 34.77
N LYS D 28 -16.26 17.01 33.75
CA LYS D 28 -15.41 17.05 32.58
C LYS D 28 -16.31 17.20 31.37
N ARG D 29 -15.77 17.80 30.31
CA ARG D 29 -16.53 18.03 29.09
C ARG D 29 -15.51 18.42 28.03
N LEU D 30 -15.69 17.93 26.81
CA LEU D 30 -14.76 18.29 25.75
C LEU D 30 -14.84 19.82 25.62
N ILE D 31 -13.70 20.46 25.40
CA ILE D 31 -13.65 21.92 25.26
C ILE D 31 -12.94 22.27 23.96
N LYS D 32 -13.66 22.94 23.06
CA LYS D 32 -13.10 23.32 21.78
C LYS D 32 -12.46 24.71 21.83
N THR D 33 -11.35 24.87 21.10
CA THR D 33 -10.66 26.15 21.08
C THR D 33 -9.79 26.33 19.84
N TRP D 34 -9.52 27.59 19.51
CA TRP D 34 -8.68 27.93 18.36
C TRP D 34 -7.44 28.64 18.88
N SER D 35 -7.36 28.81 20.20
CA SER D 35 -6.24 29.48 20.83
C SER D 35 -5.00 28.61 20.96
N ARG D 36 -4.44 28.24 19.81
CA ARG D 36 -3.25 27.40 19.77
C ARG D 36 -2.09 28.00 20.56
N ARG D 37 -2.05 29.33 20.65
CA ARG D 37 -0.99 30.03 21.37
C ARG D 37 -1.13 29.93 22.88
N SER D 38 -2.34 29.68 23.33
CA SER D 38 -2.64 29.56 24.75
C SER D 38 -1.72 28.60 25.50
N THR D 39 -1.25 29.05 26.67
CA THR D 39 -0.36 28.24 27.52
C THR D 39 -1.17 27.29 28.41
N ILE D 40 -0.61 26.11 28.68
CA ILE D 40 -1.28 25.11 29.50
C ILE D 40 -0.97 25.26 31.00
N VAL D 41 -1.99 25.65 31.77
CA VAL D 41 -1.85 25.82 33.22
C VAL D 41 -2.29 24.57 33.97
N PRO D 42 -1.92 24.46 35.25
CA PRO D 42 -2.29 23.29 36.06
C PRO D 42 -3.78 23.03 36.19
N GLU D 43 -4.60 24.08 36.16
CA GLU D 43 -6.04 23.89 36.28
C GLU D 43 -6.61 23.07 35.14
N MET D 44 -5.96 23.12 33.98
CA MET D 44 -6.42 22.37 32.82
C MET D 44 -6.06 20.88 32.86
N VAL D 45 -5.30 20.46 33.86
CA VAL D 45 -4.92 19.05 33.94
C VAL D 45 -6.10 18.13 34.20
N GLY D 46 -6.23 17.08 33.40
CA GLY D 46 -7.33 16.15 33.55
C GLY D 46 -8.47 16.44 32.57
N HIS D 47 -8.37 17.53 31.83
CA HIS D 47 -9.39 17.92 30.86
C HIS D 47 -9.04 17.47 29.44
N THR D 48 -10.05 17.44 28.58
CA THR D 48 -9.86 17.08 27.18
C THR D 48 -10.16 18.33 26.36
N ILE D 49 -9.13 18.98 25.85
CA ILE D 49 -9.27 20.21 25.07
C ILE D 49 -9.04 19.99 23.58
N ALA D 50 -10.08 20.22 22.77
CA ALA D 50 -9.96 20.03 21.33
C ALA D 50 -9.42 21.29 20.66
N VAL D 51 -8.15 21.22 20.24
CA VAL D 51 -7.47 22.34 19.62
C VAL D 51 -7.48 22.35 18.09
N TYR D 52 -7.95 23.46 17.53
CA TYR D 52 -8.01 23.64 16.08
C TYR D 52 -6.60 23.68 15.51
N ASN D 53 -6.36 22.93 14.43
CA ASN D 53 -5.05 22.89 13.80
C ASN D 53 -5.12 23.51 12.42
N GLY D 54 -6.23 24.20 12.17
CA GLY D 54 -6.43 24.85 10.89
C GLY D 54 -7.48 24.18 10.04
N LYS D 55 -7.81 22.93 10.38
CA LYS D 55 -8.80 22.18 9.62
C LYS D 55 -9.81 21.45 10.52
N GLN D 56 -9.38 21.10 11.73
CA GLN D 56 -10.25 20.41 12.69
C GLN D 56 -9.70 20.47 14.11
N HIS D 57 -10.52 20.12 15.09
CA HIS D 57 -10.11 20.14 16.49
C HIS D 57 -9.51 18.84 17.01
N VAL D 58 -8.19 18.81 17.12
CA VAL D 58 -7.48 17.64 17.61
C VAL D 58 -7.60 17.60 19.13
N PRO D 59 -8.30 16.59 19.69
CA PRO D 59 -8.44 16.50 21.15
C PRO D 59 -7.13 16.15 21.84
N VAL D 60 -6.93 16.74 23.01
CA VAL D 60 -5.73 16.48 23.79
C VAL D 60 -6.14 16.25 25.24
N TYR D 61 -5.70 15.14 25.82
CA TYR D 61 -5.99 14.88 27.22
C TYR D 61 -4.82 15.51 27.99
N ILE D 62 -5.09 16.59 28.73
CA ILE D 62 -4.03 17.31 29.45
C ILE D 62 -3.38 16.56 30.61
N THR D 63 -2.05 16.52 30.59
CA THR D 63 -1.28 15.87 31.65
C THR D 63 -0.27 16.88 32.20
N GLU D 64 0.23 16.66 33.41
CA GLU D 64 1.18 17.59 34.01
C GLU D 64 2.43 17.79 33.19
N ASN D 65 2.76 16.82 32.34
CA ASN D 65 3.94 16.90 31.49
C ASN D 65 3.74 18.02 30.48
N MET D 66 2.47 18.38 30.27
CA MET D 66 2.13 19.43 29.30
C MET D 66 2.05 20.84 29.88
N VAL D 67 1.93 20.94 31.20
CA VAL D 67 1.86 22.25 31.84
C VAL D 67 3.04 23.10 31.39
N GLY D 68 2.75 24.25 30.80
CA GLY D 68 3.83 25.12 30.33
C GLY D 68 3.97 25.14 28.83
N HIS D 69 3.66 24.03 28.17
CA HIS D 69 3.75 23.95 26.72
C HIS D 69 2.52 24.60 26.07
N LYS D 70 2.67 25.04 24.83
CA LYS D 70 1.55 25.65 24.11
C LYS D 70 0.59 24.55 23.63
N LEU D 71 -0.68 24.88 23.45
CA LEU D 71 -1.64 23.89 22.99
C LEU D 71 -1.31 23.35 21.60
N GLY D 72 -0.97 24.25 20.69
CA GLY D 72 -0.63 23.85 19.34
C GLY D 72 0.38 22.72 19.26
N GLU D 73 1.29 22.68 20.24
CA GLU D 73 2.29 21.65 20.26
C GLU D 73 1.68 20.25 20.27
N PHE D 74 0.40 20.16 20.59
CA PHE D 74 -0.28 18.88 20.66
C PHE D 74 -1.36 18.69 19.62
N ALA D 75 -1.50 19.67 18.74
CA ALA D 75 -2.49 19.62 17.66
C ALA D 75 -1.78 19.98 16.36
N PRO D 76 -0.99 19.06 15.82
CA PRO D 76 -0.16 19.38 14.66
C PRO D 76 -0.89 19.79 13.39
N THR D 77 -0.31 20.78 12.72
CA THR D 77 -0.79 21.30 11.44
C THR D 77 -0.69 20.30 10.31
N ARG D 78 0.39 19.51 10.28
CA ARG D 78 0.51 18.52 9.23
C ARG D 78 -0.12 17.18 9.65
N THR D 79 -1.03 16.73 8.81
CA THR D 79 -1.73 15.47 8.98
C THR D 79 -1.06 14.55 7.97
N TYR D 80 0.16 14.94 7.63
CA TYR D 80 0.98 14.26 6.64
C TYR D 80 1.09 12.79 7.03
N ARG D 81 0.85 11.91 6.06
CA ARG D 81 0.86 10.50 6.33
C ARG D 81 2.27 9.99 6.17
N GLY D 82 2.84 9.51 7.27
CA GLY D 82 4.20 9.04 7.27
C GLY D 82 4.30 7.76 6.48
N HIS D 83 5.50 7.46 5.99
CA HIS D 83 5.72 6.23 5.24
C HIS D 83 5.80 5.09 6.24
N GLY D 84 4.97 4.08 6.06
CA GLY D 84 4.97 2.94 6.97
C GLY D 84 4.29 3.26 8.29
N LYS D 85 3.42 4.27 8.24
CA LYS D 85 2.67 4.71 9.40
C LYS D 85 2.08 3.58 10.25
N GLU D 86 1.62 2.51 9.61
CA GLU D 86 1.01 1.42 10.37
C GLU D 86 1.97 0.63 11.28
N ALA D 87 3.27 0.77 11.09
CA ALA D 87 4.24 0.07 11.93
C ALA D 87 4.65 0.94 13.13
N LYS D 88 4.07 2.13 13.22
CA LYS D 88 4.36 3.04 14.33
C LYS D 88 3.82 2.42 15.63
N ALA D 89 4.49 2.68 16.75
CA ALA D 89 4.05 2.17 18.03
C ALA D 89 3.46 3.32 18.84
N THR D 90 2.31 3.10 19.45
CA THR D 90 1.67 4.15 20.25
C THR D 90 2.48 4.41 21.50
N LYS D 91 2.37 5.61 22.05
CA LYS D 91 3.09 5.98 23.26
C LYS D 91 2.43 5.21 24.40
N LYS D 92 3.23 4.76 25.36
CA LYS D 92 2.71 4.00 26.49
C LYS D 92 1.46 4.60 27.11
N LYS D 93 0.41 3.77 27.19
CA LYS D 93 -0.85 4.20 27.76
C LYS D 93 -0.84 3.91 29.24
UNK UNX E . -3.24 7.93 6.15
#